data_8BV4
#
_entry.id   8BV4
#
_cell.length_a   53.490
_cell.length_b   54.656
_cell.length_c   78.109
_cell.angle_alpha   90.00
_cell.angle_beta   90.00
_cell.angle_gamma   90.00
#
_symmetry.space_group_name_H-M   'P 21 21 21'
#
loop_
_entity.id
_entity.type
_entity.pdbx_description
1 polymer Beta-lactamase
2 non-polymer Vaborbactam
3 non-polymer 'PHOSPHATE ION'
4 non-polymer GLYCEROL
5 water water
#
_entity_poly.entity_id   1
_entity_poly.type   'polypeptide(L)'
_entity_poly.pdbx_seq_one_letter_code
;DLADRFAELERRYDARLGVYVPATGTTAAIEYRADERFAFCSTFKAPLVAAVLHQNPLTHLDKLITYTSDDIRSISPVAQ
QHVQTGMTIGQLCDAAIRYSDGTAANLLLADLGGPGGGTAAFTGYLRSLGDTVSRLDAEEPELNRDPPGDERDTTTPHAI
ALVLQQLVLGNALPPDKRALLTDWMARNTTGAKRIRAGFPADWKVIDKTGTGDYGRANDIAVVWSPTGVPYVVAVMSDRA
GGGYDAEPREALLAEAATCVAGVLA
;
_entity_poly.pdbx_strand_id   A
#
loop_
_chem_comp.id
_chem_comp.type
_chem_comp.name
_chem_comp.formula
4D6 non-polymer Vaborbactam 'C12 H16 B N O5 S'
GOL non-polymer GLYCEROL 'C3 H8 O3'
PO4 non-polymer 'PHOSPHATE ION' 'O4 P -3'
#
# COMPACT_ATOMS: atom_id res chain seq x y z
N ASP A 1 9.52 25.20 -8.52
CA ASP A 1 8.30 24.38 -8.80
C ASP A 1 8.39 23.07 -8.01
N LEU A 2 7.27 22.63 -7.43
CA LEU A 2 7.27 21.36 -6.72
C LEU A 2 7.79 20.23 -7.63
N ALA A 3 7.39 20.21 -8.90
CA ALA A 3 7.88 19.22 -9.85
C ALA A 3 9.41 19.28 -9.92
N ASP A 4 9.99 20.48 -9.88
CA ASP A 4 11.43 20.60 -10.03
C ASP A 4 12.15 20.02 -8.81
N ARG A 5 11.55 20.13 -7.63
CA ARG A 5 12.10 19.63 -6.39
C ARG A 5 12.03 18.11 -6.39
N PHE A 6 10.93 17.53 -6.90
CA PHE A 6 10.87 16.09 -7.04
C PHE A 6 11.99 15.63 -7.97
N ALA A 7 12.26 16.40 -9.03
CA ALA A 7 13.32 16.01 -9.94
C ALA A 7 14.67 16.16 -9.23
N GLU A 8 14.77 17.13 -8.31
CA GLU A 8 15.97 17.27 -7.48
C GLU A 8 16.16 15.98 -6.68
N LEU A 9 15.08 15.46 -6.06
CA LEU A 9 15.20 14.22 -5.30
C LEU A 9 15.62 13.04 -6.19
N GLU A 10 15.04 12.93 -7.36
CA GLU A 10 15.40 11.84 -8.24
C GLU A 10 16.90 11.85 -8.52
N ARG A 11 17.41 13.04 -8.82
CA ARG A 11 18.79 13.25 -9.19
C ARG A 11 19.71 12.88 -8.02
N ARG A 12 19.35 13.34 -6.82
CA ARG A 12 20.17 13.15 -5.62
C ARG A 12 20.19 11.69 -5.17
N TYR A 13 19.05 10.99 -5.27
CA TYR A 13 19.01 9.60 -4.84
C TYR A 13 19.20 8.65 -6.03
N ASP A 14 19.35 9.16 -7.24
CA ASP A 14 19.39 8.30 -8.42
C ASP A 14 18.19 7.34 -8.41
N ALA A 15 16.99 7.93 -8.29
CA ALA A 15 15.75 7.19 -8.11
C ALA A 15 14.72 7.68 -9.12
N ARG A 16 13.66 6.89 -9.28
CA ARG A 16 12.45 7.35 -9.93
C ARG A 16 11.40 7.50 -8.84
N LEU A 17 10.83 8.69 -8.75
CA LEU A 17 9.81 9.04 -7.78
C LEU A 17 8.48 9.30 -8.50
N GLY A 18 7.41 8.73 -7.92
CA GLY A 18 6.04 8.93 -8.36
C GLY A 18 5.17 9.40 -7.20
N VAL A 19 4.45 10.51 -7.39
CA VAL A 19 3.66 11.12 -6.31
C VAL A 19 2.26 11.43 -6.85
N TYR A 20 1.24 11.17 -6.00
CA TYR A 20 -0.08 11.69 -6.22
C TYR A 20 -0.71 12.06 -4.88
N VAL A 21 -1.11 13.33 -4.75
CA VAL A 21 -2.10 13.77 -3.78
C VAL A 21 -3.35 14.23 -4.53
N PRO A 22 -4.50 13.52 -4.40
CA PRO A 22 -5.71 13.95 -5.09
C PRO A 22 -6.14 15.35 -4.64
N ALA A 23 -6.69 16.12 -5.60
CA ALA A 23 -7.29 17.41 -5.32
C ALA A 23 -8.46 17.24 -4.37
N THR A 24 -8.79 18.31 -3.66
CA THR A 24 -9.96 18.37 -2.81
C THR A 24 -10.63 19.72 -3.03
N GLY A 25 -11.68 20.01 -2.24
CA GLY A 25 -12.39 21.27 -2.33
C GLY A 25 -11.50 22.46 -2.03
N THR A 26 -10.45 22.26 -1.23
CA THR A 26 -9.52 23.34 -0.95
C THR A 26 -8.07 22.87 -1.06
N THR A 27 -7.71 22.23 -2.19
CA THR A 27 -6.32 22.05 -2.57
C THR A 27 -6.22 21.58 -4.01
N ALA A 28 -5.16 21.97 -4.70
CA ALA A 28 -4.84 21.40 -6.01
C ALA A 28 -4.29 19.98 -5.85
N ALA A 29 -4.29 19.22 -6.96
CA ALA A 29 -3.67 17.92 -7.03
C ALA A 29 -2.16 18.11 -6.99
N ILE A 30 -1.44 17.11 -6.45
CA ILE A 30 0.00 17.00 -6.65
C ILE A 30 0.20 15.74 -7.49
N GLU A 31 0.87 15.90 -8.62
CA GLU A 31 1.07 14.82 -9.58
C GLU A 31 2.52 14.84 -10.01
N TYR A 32 3.23 13.73 -9.84
CA TYR A 32 4.56 13.59 -10.42
C TYR A 32 4.71 12.15 -10.89
N ARG A 33 4.94 11.95 -12.19
CA ARG A 33 4.92 10.63 -12.80
C ARG A 33 3.69 9.85 -12.33
N ALA A 34 2.56 10.55 -12.18
CA ALA A 34 1.40 9.94 -11.56
C ALA A 34 0.82 8.82 -12.43
N ASP A 35 1.04 8.86 -13.77
CA ASP A 35 0.52 7.81 -14.61
C ASP A 35 1.62 6.90 -15.14
N GLU A 36 2.76 6.84 -14.45
CA GLU A 36 3.78 5.84 -14.75
C GLU A 36 3.55 4.64 -13.85
N ARG A 37 3.85 3.45 -14.36
CA ARG A 37 3.72 2.23 -13.58
C ARG A 37 4.86 2.12 -12.57
N PHE A 38 4.50 1.72 -11.33
CA PHE A 38 5.43 1.29 -10.30
C PHE A 38 4.89 -0.03 -9.71
N ALA A 39 5.80 -0.94 -9.33
CA ALA A 39 5.42 -2.14 -8.60
C ALA A 39 4.62 -1.78 -7.34
N PHE A 40 3.52 -2.47 -7.09
CA PHE A 40 2.75 -2.39 -5.84
C PHE A 40 3.66 -2.62 -4.61
N CYS A 41 4.41 -3.73 -4.67
CA CYS A 41 5.06 -4.32 -3.50
C CYS A 41 3.99 -4.50 -2.43
N SER A 42 4.35 -4.40 -1.16
CA SER A 42 3.45 -4.80 -0.09
C SER A 42 2.24 -3.85 0.04
N THR A 43 2.22 -2.77 -0.76
CA THR A 43 1.14 -1.79 -0.68
C THR A 43 -0.20 -2.44 -1.04
N PHE A 44 -0.21 -3.54 -1.82
CA PHE A 44 -1.47 -4.14 -2.26
C PHE A 44 -2.20 -4.77 -1.08
N LYS A 45 -1.49 -4.98 0.04
CA LYS A 45 -2.05 -5.70 1.16
C LYS A 45 -3.16 -4.90 1.82
N ALA A 46 -3.15 -3.55 1.66
CA ALA A 46 -4.18 -2.68 2.22
C ALA A 46 -5.49 -2.80 1.45
N PRO A 47 -5.51 -2.57 0.11
CA PRO A 47 -6.70 -2.85 -0.69
C PRO A 47 -7.11 -4.32 -0.63
N LEU A 48 -6.14 -5.23 -0.47
CA LEU A 48 -6.51 -6.66 -0.33
C LEU A 48 -7.45 -6.82 0.86
N VAL A 49 -7.06 -6.25 2.00
CA VAL A 49 -7.92 -6.31 3.18
C VAL A 49 -9.27 -5.69 2.89
N ALA A 50 -9.30 -4.56 2.14
CA ALA A 50 -10.55 -3.93 1.75
C ALA A 50 -11.41 -4.91 0.93
N ALA A 51 -10.84 -5.61 -0.06
CA ALA A 51 -11.54 -6.67 -0.78
C ALA A 51 -12.23 -7.65 0.16
N VAL A 52 -11.47 -8.19 1.13
CA VAL A 52 -12.01 -9.22 2.00
C VAL A 52 -13.16 -8.63 2.84
N LEU A 53 -12.97 -7.38 3.29
CA LEU A 53 -14.01 -6.71 4.06
C LEU A 53 -15.25 -6.54 3.20
N HIS A 54 -15.02 -6.05 1.98
CA HIS A 54 -16.09 -5.77 1.07
C HIS A 54 -16.97 -7.01 0.87
N GLN A 55 -16.34 -8.17 0.66
CA GLN A 55 -16.98 -9.36 0.15
C GLN A 55 -17.69 -10.16 1.23
N ASN A 56 -17.56 -9.78 2.50
CA ASN A 56 -18.01 -10.68 3.54
C ASN A 56 -18.68 -9.89 4.65
N PRO A 57 -19.59 -10.51 5.43
CA PRO A 57 -20.09 -9.91 6.66
C PRO A 57 -18.90 -9.81 7.61
N LEU A 58 -19.00 -8.94 8.63
CA LEU A 58 -17.90 -8.76 9.55
C LEU A 58 -17.71 -10.01 10.41
N THR A 59 -18.72 -10.90 10.50
CA THR A 59 -18.56 -12.14 11.25
C THR A 59 -17.43 -12.99 10.66
N HIS A 60 -17.12 -12.82 9.37
CA HIS A 60 -16.05 -13.53 8.71
C HIS A 60 -14.69 -13.33 9.41
N LEU A 61 -14.48 -12.16 10.00
CA LEU A 61 -13.23 -11.86 10.71
C LEU A 61 -12.88 -12.94 11.73
N ASP A 62 -13.88 -13.60 12.31
CA ASP A 62 -13.63 -14.63 13.32
C ASP A 62 -13.34 -16.01 12.73
N LYS A 63 -13.42 -16.18 11.42
CA LYS A 63 -13.09 -17.48 10.84
C LYS A 63 -11.63 -17.87 11.11
N LEU A 64 -11.39 -19.10 11.59
CA LEU A 64 -10.03 -19.55 11.87
C LEU A 64 -9.44 -20.16 10.59
N ILE A 65 -8.24 -19.69 10.22
CA ILE A 65 -7.48 -20.20 9.09
C ILE A 65 -6.29 -20.97 9.64
N THR A 66 -6.19 -22.25 9.29
CA THR A 66 -5.03 -23.05 9.65
C THR A 66 -4.11 -23.16 8.42
N TYR A 67 -2.80 -23.20 8.66
CA TYR A 67 -1.84 -23.27 7.57
C TYR A 67 -0.62 -24.00 8.13
N THR A 68 0.40 -24.23 7.28
CA THR A 68 1.61 -24.93 7.71
C THR A 68 2.88 -24.12 7.46
N SER A 69 3.98 -24.67 7.97
CA SER A 69 5.31 -24.14 7.75
C SER A 69 5.56 -23.94 6.26
N ASP A 70 4.89 -24.78 5.45
CA ASP A 70 5.06 -24.76 4.00
C ASP A 70 4.37 -23.55 3.35
N ASP A 71 3.47 -22.88 4.09
CA ASP A 71 2.82 -21.68 3.58
C ASP A 71 3.64 -20.43 3.85
N ILE A 72 4.70 -20.53 4.67
CA ILE A 72 5.56 -19.41 4.96
C ILE A 72 6.59 -19.34 3.84
N ARG A 73 6.27 -18.65 2.74
CA ARG A 73 7.15 -18.53 1.57
C ARG A 73 7.64 -17.10 1.39
N SER A 74 7.28 -16.22 2.32
CA SER A 74 7.55 -14.80 2.22
C SER A 74 7.63 -14.23 3.64
N ILE A 75 8.14 -12.98 3.71
CA ILE A 75 8.33 -12.30 4.98
C ILE A 75 6.98 -12.19 5.69
N SER A 76 6.87 -12.78 6.88
CA SER A 76 5.60 -13.03 7.54
C SER A 76 5.82 -12.91 9.04
N PRO A 77 6.03 -11.70 9.59
CA PRO A 77 6.47 -11.58 10.99
C PRO A 77 5.50 -12.18 12.02
N VAL A 78 4.19 -12.26 11.69
CA VAL A 78 3.16 -12.71 12.61
C VAL A 78 2.79 -14.16 12.33
N ALA A 79 2.38 -14.48 11.08
CA ALA A 79 1.95 -15.83 10.71
C ALA A 79 2.98 -16.91 11.06
N GLN A 80 4.29 -16.60 11.03
CA GLN A 80 5.30 -17.63 11.22
C GLN A 80 5.37 -18.04 12.68
N GLN A 81 4.75 -17.26 13.55
CA GLN A 81 4.72 -17.53 14.98
C GLN A 81 3.40 -18.14 15.39
N HIS A 82 2.48 -18.44 14.46
CA HIS A 82 1.16 -18.97 14.82
C HIS A 82 0.79 -20.17 13.95
N VAL A 83 1.78 -20.80 13.33
CA VAL A 83 1.55 -22.01 12.57
C VAL A 83 0.86 -23.10 13.39
N GLN A 84 1.05 -23.12 14.71
CA GLN A 84 0.53 -24.24 15.49
C GLN A 84 -0.97 -24.03 15.70
N THR A 85 -1.40 -22.77 15.81
CA THR A 85 -2.75 -22.41 16.22
C THR A 85 -3.63 -21.93 15.06
N GLY A 86 -3.01 -21.53 13.96
CA GLY A 86 -3.72 -20.76 12.95
C GLY A 86 -4.07 -19.35 13.43
N MET A 87 -4.72 -18.59 12.55
CA MET A 87 -5.09 -17.20 12.81
C MET A 87 -6.46 -16.95 12.20
N THR A 88 -7.28 -16.16 12.89
CA THR A 88 -8.55 -15.73 12.36
C THR A 88 -8.31 -14.80 11.18
N ILE A 89 -9.35 -14.62 10.34
CA ILE A 89 -9.28 -13.71 9.20
C ILE A 89 -8.98 -12.30 9.72
N GLY A 90 -9.55 -11.91 10.87
CA GLY A 90 -9.33 -10.60 11.42
C GLY A 90 -7.86 -10.39 11.77
N GLN A 91 -7.23 -11.44 12.32
CA GLN A 91 -5.84 -11.41 12.72
C GLN A 91 -4.95 -11.29 11.49
N LEU A 92 -5.33 -11.98 10.41
CA LEU A 92 -4.56 -11.90 9.17
C LEU A 92 -4.66 -10.50 8.55
N CYS A 93 -5.82 -9.88 8.63
CA CYS A 93 -5.95 -8.57 8.03
C CYS A 93 -5.00 -7.63 8.77
N ASP A 94 -5.07 -7.69 10.10
CA ASP A 94 -4.19 -6.95 11.00
C ASP A 94 -2.70 -7.12 10.62
N ALA A 95 -2.26 -8.38 10.50
CA ALA A 95 -0.87 -8.73 10.24
C ALA A 95 -0.46 -8.25 8.85
N ALA A 96 -1.36 -8.41 7.87
CA ALA A 96 -1.10 -8.04 6.48
C ALA A 96 -0.77 -6.56 6.38
N ILE A 97 -1.52 -5.73 7.12
CA ILE A 97 -1.40 -4.28 7.05
C ILE A 97 -0.29 -3.81 8.01
N ARG A 98 -0.34 -4.23 9.27
CA ARG A 98 0.49 -3.64 10.30
C ARG A 98 1.92 -4.19 10.24
N TYR A 99 2.12 -5.42 9.74
CA TYR A 99 3.44 -6.05 9.70
C TYR A 99 3.83 -6.53 8.31
N SER A 100 3.14 -6.05 7.26
CA SER A 100 3.29 -6.47 5.86
C SER A 100 3.37 -8.00 5.69
N ASP A 101 2.63 -8.72 6.54
CA ASP A 101 2.78 -10.17 6.63
C ASP A 101 2.41 -10.81 5.30
N GLY A 102 3.40 -11.37 4.62
CA GLY A 102 3.18 -11.92 3.28
C GLY A 102 2.39 -13.24 3.27
N THR A 103 2.53 -14.07 4.31
CA THR A 103 1.68 -15.25 4.40
C THR A 103 0.23 -14.83 4.69
N ALA A 104 0.03 -13.82 5.54
CA ALA A 104 -1.33 -13.34 5.78
C ALA A 104 -1.95 -12.91 4.46
N ALA A 105 -1.18 -12.18 3.66
CA ALA A 105 -1.64 -11.71 2.36
C ALA A 105 -2.06 -12.89 1.47
N ASN A 106 -1.19 -13.89 1.36
CA ASN A 106 -1.43 -15.05 0.52
C ASN A 106 -2.70 -15.77 0.96
N LEU A 107 -2.89 -15.88 2.28
CA LEU A 107 -4.10 -16.52 2.80
C LEU A 107 -5.36 -15.69 2.48
N LEU A 108 -5.25 -14.36 2.50
CA LEU A 108 -6.38 -13.48 2.26
C LEU A 108 -6.73 -13.45 0.77
N LEU A 109 -5.74 -13.61 -0.11
CA LEU A 109 -5.94 -13.84 -1.54
C LEU A 109 -6.74 -15.13 -1.81
N ALA A 110 -6.32 -16.23 -1.19
CA ALA A 110 -7.06 -17.47 -1.27
C ALA A 110 -8.48 -17.29 -0.71
N ASP A 111 -8.62 -16.45 0.33
CA ASP A 111 -9.93 -16.16 0.89
C ASP A 111 -10.89 -15.56 -0.16
N LEU A 112 -10.38 -14.72 -1.05
CA LEU A 112 -11.21 -14.09 -2.11
C LEU A 112 -11.59 -15.21 -3.06
N GLY A 113 -10.63 -16.07 -3.37
CA GLY A 113 -10.92 -17.28 -4.16
C GLY A 113 -10.70 -17.17 -5.65
N GLY A 114 -10.98 -18.26 -6.36
CA GLY A 114 -10.92 -18.25 -7.82
C GLY A 114 -9.54 -18.46 -8.40
N PRO A 115 -9.44 -18.53 -9.73
CA PRO A 115 -8.15 -18.78 -10.38
C PRO A 115 -7.06 -17.78 -9.95
N GLY A 116 -5.82 -18.25 -9.86
CA GLY A 116 -4.67 -17.36 -9.56
C GLY A 116 -4.45 -17.24 -8.08
N GLY A 117 -4.97 -18.19 -7.31
CA GLY A 117 -4.85 -18.13 -5.85
C GLY A 117 -5.52 -16.90 -5.27
N GLY A 118 -6.40 -16.23 -6.05
CA GLY A 118 -7.07 -15.05 -5.56
C GLY A 118 -6.59 -13.76 -6.23
N THR A 119 -5.51 -13.85 -7.02
CA THR A 119 -4.93 -12.68 -7.66
C THR A 119 -5.90 -12.09 -8.68
N ALA A 120 -6.55 -12.95 -9.48
CA ALA A 120 -7.58 -12.46 -10.39
C ALA A 120 -8.69 -11.72 -9.63
N ALA A 121 -9.17 -12.31 -8.54
CA ALA A 121 -10.24 -11.70 -7.73
C ALA A 121 -9.85 -10.32 -7.22
N PHE A 122 -8.57 -10.19 -6.76
CA PHE A 122 -8.02 -8.95 -6.22
C PHE A 122 -8.07 -7.85 -7.28
N THR A 123 -7.46 -8.12 -8.44
CA THR A 123 -7.52 -7.19 -9.55
C THR A 123 -8.95 -6.80 -9.94
N GLY A 124 -9.86 -7.79 -10.03
CA GLY A 124 -11.27 -7.55 -10.23
C GLY A 124 -11.81 -6.55 -9.21
N TYR A 125 -11.33 -6.62 -7.96
CA TYR A 125 -11.82 -5.71 -6.93
C TYR A 125 -11.43 -4.29 -7.30
N LEU A 126 -10.17 -4.12 -7.74
CA LEU A 126 -9.68 -2.80 -8.09
C LEU A 126 -10.47 -2.32 -9.30
N ARG A 127 -10.80 -3.24 -10.22
CA ARG A 127 -11.59 -2.85 -11.39
C ARG A 127 -12.96 -2.33 -10.97
N SER A 128 -13.57 -2.96 -9.97
CA SER A 128 -14.85 -2.49 -9.46
C SER A 128 -14.75 -1.10 -8.83
N LEU A 129 -13.53 -0.59 -8.62
CA LEU A 129 -13.32 0.73 -8.04
C LEU A 129 -12.99 1.76 -9.11
N GLY A 130 -12.98 1.35 -10.39
CA GLY A 130 -12.69 2.25 -11.50
C GLY A 130 -11.26 2.08 -12.02
N ASP A 131 -10.45 1.28 -11.35
CA ASP A 131 -9.05 1.16 -11.72
C ASP A 131 -8.88 0.12 -12.83
N THR A 132 -8.60 0.59 -14.05
CA THR A 132 -8.33 -0.27 -15.18
C THR A 132 -6.84 -0.34 -15.51
N VAL A 133 -5.96 0.15 -14.61
CA VAL A 133 -4.53 0.13 -14.87
C VAL A 133 -3.84 -0.96 -14.07
N SER A 134 -4.22 -1.10 -12.77
CA SER A 134 -3.51 -1.92 -11.82
C SER A 134 -3.76 -3.41 -12.11
N ARG A 135 -2.77 -4.22 -11.74
CA ARG A 135 -2.84 -5.66 -11.91
C ARG A 135 -1.94 -6.37 -10.91
N LEU A 136 -2.51 -7.43 -10.29
CA LEU A 136 -1.77 -8.38 -9.48
C LEU A 136 -1.81 -9.74 -10.19
N ASP A 137 -0.62 -10.28 -10.43
CA ASP A 137 -0.44 -11.44 -11.27
C ASP A 137 0.20 -12.57 -10.48
N ALA A 138 0.84 -12.30 -9.35
CA ALA A 138 1.41 -13.37 -8.56
C ALA A 138 1.22 -13.05 -7.10
N GLU A 139 1.42 -14.11 -6.31
CA GLU A 139 1.39 -14.07 -4.85
C GLU A 139 2.77 -13.65 -4.36
N GLU A 140 2.88 -13.49 -3.04
CA GLU A 140 4.19 -13.35 -2.40
C GLU A 140 4.88 -14.70 -2.37
N PRO A 141 6.21 -14.74 -2.62
CA PRO A 141 7.01 -13.55 -2.90
C PRO A 141 7.30 -13.28 -4.37
N GLU A 142 6.72 -14.09 -5.27
CA GLU A 142 7.06 -14.07 -6.68
C GLU A 142 6.64 -12.75 -7.33
N LEU A 143 5.62 -12.08 -6.75
CA LEU A 143 5.13 -10.83 -7.30
C LEU A 143 6.20 -9.74 -7.22
N ASN A 144 7.31 -10.01 -6.49
CA ASN A 144 8.40 -9.05 -6.34
C ASN A 144 9.42 -9.27 -7.44
N ARG A 145 9.28 -10.33 -8.23
CA ARG A 145 10.36 -10.70 -9.11
C ARG A 145 10.29 -9.95 -10.44
N ASP A 146 9.24 -9.15 -10.65
CA ASP A 146 9.01 -8.55 -11.96
C ASP A 146 10.09 -7.49 -12.21
N PRO A 147 10.87 -7.61 -13.31
CA PRO A 147 11.84 -6.57 -13.65
C PRO A 147 11.18 -5.30 -14.22
N PRO A 148 11.89 -4.15 -14.17
CA PRO A 148 11.37 -2.93 -14.79
C PRO A 148 10.93 -3.18 -16.24
N GLY A 149 9.77 -2.65 -16.61
CA GLY A 149 9.29 -2.78 -17.98
C GLY A 149 8.27 -3.90 -18.16
N ASP A 150 8.19 -4.80 -17.16
CA ASP A 150 7.16 -5.79 -17.04
C ASP A 150 6.02 -5.20 -16.22
N GLU A 151 4.79 -5.16 -16.79
CA GLU A 151 3.69 -4.46 -16.15
C GLU A 151 2.96 -5.31 -15.14
N ARG A 152 3.37 -6.57 -14.97
CA ARG A 152 2.76 -7.40 -13.95
C ARG A 152 3.01 -6.84 -12.54
N ASP A 153 1.97 -6.93 -11.70
CA ASP A 153 2.07 -6.58 -10.30
C ASP A 153 2.41 -5.09 -10.10
N THR A 154 1.89 -4.24 -11.00
CA THR A 154 2.17 -2.81 -10.96
C THR A 154 0.88 -2.01 -10.79
N THR A 155 1.03 -0.76 -10.38
CA THR A 155 -0.05 0.20 -10.29
C THR A 155 0.51 1.54 -10.74
N THR A 156 -0.28 2.61 -10.61
CA THR A 156 0.26 3.95 -10.83
C THR A 156 -0.02 4.75 -9.57
N PRO A 157 0.76 5.79 -9.25
CA PRO A 157 0.44 6.65 -8.10
C PRO A 157 -0.99 7.20 -8.14
N HIS A 158 -1.39 7.64 -9.34
CA HIS A 158 -2.75 8.07 -9.62
C HIS A 158 -3.79 7.01 -9.25
N ALA A 159 -3.59 5.77 -9.74
CA ALA A 159 -4.55 4.69 -9.50
C ALA A 159 -4.60 4.35 -8.01
N ILE A 160 -3.44 4.09 -7.40
CA ILE A 160 -3.48 3.58 -6.04
C ILE A 160 -3.97 4.66 -5.08
N ALA A 161 -3.66 5.94 -5.37
CA ALA A 161 -4.08 7.07 -4.53
C ALA A 161 -5.61 7.18 -4.54
N LEU A 162 -6.20 7.05 -5.74
CA LEU A 162 -7.64 7.16 -5.90
C LEU A 162 -8.39 5.95 -5.34
N VAL A 163 -7.77 4.77 -5.41
CA VAL A 163 -8.27 3.60 -4.70
C VAL A 163 -8.31 3.88 -3.20
N LEU A 164 -7.21 4.44 -2.65
CA LEU A 164 -7.14 4.63 -1.21
C LEU A 164 -8.15 5.68 -0.76
N GLN A 165 -8.22 6.76 -1.56
CA GLN A 165 -9.18 7.82 -1.37
C GLN A 165 -10.58 7.22 -1.22
N GLN A 166 -10.98 6.39 -2.18
CA GLN A 166 -12.33 5.85 -2.13
C GLN A 166 -12.52 4.94 -0.91
N LEU A 167 -11.48 4.16 -0.57
CA LEU A 167 -11.62 3.19 0.50
C LEU A 167 -11.71 3.86 1.89
N VAL A 168 -10.85 4.86 2.14
CA VAL A 168 -10.71 5.42 3.48
C VAL A 168 -11.59 6.66 3.63
N LEU A 169 -11.71 7.45 2.57
CA LEU A 169 -12.36 8.74 2.71
C LEU A 169 -13.65 8.80 1.91
N GLY A 170 -13.89 7.80 1.05
CA GLY A 170 -15.05 7.79 0.18
C GLY A 170 -16.03 6.72 0.60
N ASN A 171 -16.87 6.29 -0.35
CA ASN A 171 -17.95 5.36 -0.05
C ASN A 171 -17.74 3.98 -0.70
N ALA A 172 -16.49 3.57 -0.94
CA ALA A 172 -16.23 2.25 -1.52
C ALA A 172 -16.62 1.11 -0.57
N LEU A 173 -16.53 1.38 0.74
CA LEU A 173 -16.86 0.41 1.77
C LEU A 173 -17.95 0.99 2.65
N PRO A 174 -18.82 0.19 3.29
CA PRO A 174 -19.68 0.73 4.35
C PRO A 174 -18.82 1.26 5.48
N PRO A 175 -19.23 2.37 6.17
CA PRO A 175 -18.38 3.00 7.18
C PRO A 175 -17.88 2.14 8.35
N ASP A 176 -18.58 1.06 8.69
CA ASP A 176 -18.09 0.14 9.71
C ASP A 176 -16.84 -0.57 9.20
N LYS A 177 -16.90 -1.05 7.97
CA LYS A 177 -15.76 -1.72 7.37
C LYS A 177 -14.61 -0.74 7.15
N ARG A 178 -14.95 0.46 6.64
CA ARG A 178 -13.99 1.53 6.44
C ARG A 178 -13.22 1.82 7.74
N ALA A 179 -13.93 1.91 8.86
CA ALA A 179 -13.33 2.18 10.14
C ALA A 179 -12.22 1.17 10.44
N LEU A 180 -12.43 -0.10 10.06
CA LEU A 180 -11.50 -1.16 10.37
C LEU A 180 -10.22 -0.98 9.57
N LEU A 181 -10.38 -0.83 8.25
CA LEU A 181 -9.26 -0.61 7.36
C LEU A 181 -8.43 0.55 7.91
N THR A 182 -9.12 1.64 8.29
CA THR A 182 -8.51 2.86 8.79
C THR A 182 -7.74 2.59 10.09
N ASP A 183 -8.42 1.99 11.08
N ASP A 183 -8.39 1.94 11.05
CA ASP A 183 -7.79 1.69 12.37
CA ASP A 183 -7.78 1.74 12.36
C ASP A 183 -6.53 0.85 12.19
C ASP A 183 -6.60 0.76 12.29
N TRP A 184 -6.59 -0.17 11.33
CA TRP A 184 -5.43 -1.05 11.13
C TRP A 184 -4.27 -0.25 10.54
N MET A 185 -4.56 0.54 9.50
CA MET A 185 -3.57 1.42 8.91
C MET A 185 -3.05 2.44 9.93
N ALA A 186 -3.88 2.86 10.89
CA ALA A 186 -3.47 3.86 11.87
C ALA A 186 -2.42 3.29 12.82
N ARG A 187 -2.42 1.97 13.01
CA ARG A 187 -1.59 1.29 13.99
C ARG A 187 -0.49 0.53 13.27
N ASN A 188 -0.19 0.90 12.04
CA ASN A 188 0.87 0.26 11.29
C ASN A 188 2.18 0.41 12.05
N THR A 189 3.05 -0.61 11.99
CA THR A 189 4.33 -0.58 12.69
C THR A 189 5.49 -0.36 11.73
N THR A 190 5.24 -0.28 10.41
CA THR A 190 6.32 -0.32 9.43
C THR A 190 6.67 1.06 8.86
N GLY A 191 5.99 2.14 9.26
CA GLY A 191 5.98 3.34 8.43
C GLY A 191 6.64 4.58 9.04
N ALA A 192 7.42 4.40 10.10
CA ALA A 192 7.90 5.55 10.86
C ALA A 192 8.93 6.37 10.07
N LYS A 193 9.68 5.77 9.12
CA LYS A 193 10.73 6.50 8.42
C LYS A 193 10.31 6.90 7.01
N ARG A 194 9.01 6.80 6.68
CA ARG A 194 8.54 7.18 5.36
C ARG A 194 7.68 8.45 5.48
N ILE A 195 6.43 8.40 5.01
CA ILE A 195 5.57 9.59 4.95
C ILE A 195 5.42 10.21 6.32
N ARG A 196 5.25 9.39 7.33
CA ARG A 196 5.18 9.83 8.72
C ARG A 196 6.36 10.73 9.09
N ALA A 197 7.54 10.45 8.54
CA ALA A 197 8.75 11.16 8.91
C ALA A 197 8.77 12.56 8.28
N GLY A 198 7.94 12.79 7.25
CA GLY A 198 7.91 14.04 6.50
C GLY A 198 6.80 15.01 6.92
N PHE A 199 5.90 14.57 7.80
CA PHE A 199 4.74 15.35 8.23
C PHE A 199 4.90 15.80 9.69
N PRO A 200 4.68 17.09 10.02
CA PRO A 200 4.70 17.55 11.41
C PRO A 200 3.91 16.66 12.37
N ALA A 201 4.40 16.62 13.60
CA ALA A 201 3.87 15.78 14.65
C ALA A 201 2.39 16.06 14.91
N ASP A 202 1.92 17.27 14.61
CA ASP A 202 0.51 17.57 14.86
C ASP A 202 -0.42 17.02 13.76
N TRP A 203 0.14 16.51 12.64
CA TRP A 203 -0.63 15.81 11.63
C TRP A 203 -0.70 14.33 12.00
N LYS A 204 -1.86 13.73 11.73
CA LYS A 204 -2.06 12.30 11.88
C LYS A 204 -1.75 11.60 10.56
N VAL A 205 -1.04 10.46 10.63
CA VAL A 205 -0.70 9.67 9.47
C VAL A 205 -1.09 8.20 9.71
N ILE A 206 -1.82 7.63 8.76
CA ILE A 206 -2.10 6.21 8.70
C ILE A 206 -1.52 5.75 7.35
N ASP A 207 -0.96 4.56 7.26
CA ASP A 207 -0.33 4.21 6.00
C ASP A 207 -0.14 2.70 5.82
N LYS A 208 0.34 2.36 4.62
CA LYS A 208 0.76 1.02 4.29
C LYS A 208 1.99 1.12 3.40
N THR A 209 3.07 0.45 3.83
CA THR A 209 4.36 0.55 3.16
C THR A 209 4.51 -0.57 2.14
N GLY A 210 5.53 -0.43 1.30
CA GLY A 210 6.00 -1.59 0.55
C GLY A 210 7.44 -1.45 0.12
N THR A 211 8.16 -2.58 0.17
CA THR A 211 9.53 -2.65 -0.28
C THR A 211 9.73 -3.88 -1.16
N GLY A 212 10.52 -3.71 -2.24
CA GLY A 212 10.80 -4.78 -3.17
C GLY A 212 12.21 -4.65 -3.74
N ASP A 213 12.47 -5.42 -4.80
CA ASP A 213 13.75 -5.40 -5.51
C ASP A 213 13.89 -4.11 -6.32
N TYR A 214 15.02 -3.93 -7.00
CA TYR A 214 15.26 -2.75 -7.82
C TYR A 214 15.04 -1.48 -7.01
N GLY A 215 15.38 -1.53 -5.71
CA GLY A 215 15.31 -0.34 -4.87
C GLY A 215 13.89 0.22 -4.70
N ARG A 216 12.88 -0.65 -4.83
CA ARG A 216 11.49 -0.25 -4.70
C ARG A 216 11.14 0.00 -3.23
N ALA A 217 10.57 1.17 -2.98
CA ALA A 217 10.09 1.55 -1.67
C ALA A 217 8.90 2.49 -1.90
N ASN A 218 7.75 2.09 -1.38
CA ASN A 218 6.52 2.82 -1.58
C ASN A 218 5.94 3.07 -0.20
N ASP A 219 5.11 4.12 -0.07
CA ASP A 219 4.24 4.33 1.08
C ASP A 219 2.98 5.03 0.56
N ILE A 220 1.81 4.47 0.92
CA ILE A 220 0.52 5.09 0.68
C ILE A 220 -0.11 5.43 2.02
N ALA A 221 -0.65 6.65 2.12
CA ALA A 221 -1.07 7.18 3.40
C ALA A 221 -2.32 8.04 3.25
N VAL A 222 -3.05 8.12 4.36
CA VAL A 222 -4.05 9.14 4.57
C VAL A 222 -3.54 9.98 5.74
N VAL A 223 -3.47 11.29 5.54
CA VAL A 223 -3.03 12.19 6.61
C VAL A 223 -4.17 13.17 6.96
N TRP A 224 -4.26 13.53 8.24
CA TRP A 224 -5.17 14.53 8.76
C TRP A 224 -4.38 15.71 9.30
N SER A 225 -4.73 16.90 8.83
CA SER A 225 -4.11 18.15 9.24
C SER A 225 -4.47 18.48 10.68
N PRO A 226 -3.71 19.34 11.38
CA PRO A 226 -4.08 19.72 12.76
C PRO A 226 -5.54 20.18 12.82
N THR A 227 -6.09 20.60 11.67
CA THR A 227 -7.48 21.01 11.55
C THR A 227 -8.46 19.87 11.43
N GLY A 228 -8.00 18.68 11.05
CA GLY A 228 -8.90 17.58 10.72
C GLY A 228 -9.19 17.49 9.21
N VAL A 229 -8.42 18.20 8.40
CA VAL A 229 -8.58 18.11 6.96
C VAL A 229 -7.77 16.90 6.48
N PRO A 230 -8.41 15.92 5.83
CA PRO A 230 -7.71 14.73 5.36
C PRO A 230 -7.22 14.82 3.91
N TYR A 231 -6.03 14.27 3.63
CA TYR A 231 -5.58 14.08 2.26
C TYR A 231 -4.96 12.70 2.07
N VAL A 232 -5.01 12.21 0.83
CA VAL A 232 -4.30 11.00 0.49
C VAL A 232 -2.93 11.39 -0.05
N VAL A 233 -1.87 10.74 0.49
CA VAL A 233 -0.54 10.81 -0.08
C VAL A 233 -0.08 9.41 -0.51
N ALA A 234 0.12 9.23 -1.82
CA ALA A 234 0.76 8.06 -2.41
C ALA A 234 2.14 8.45 -2.90
N VAL A 235 3.16 7.76 -2.40
CA VAL A 235 4.53 7.96 -2.83
C VAL A 235 5.13 6.61 -3.21
N MET A 236 5.68 6.55 -4.42
CA MET A 236 6.23 5.35 -4.97
C MET A 236 7.60 5.70 -5.53
N SER A 237 8.55 4.74 -5.39
CA SER A 237 9.91 4.98 -5.80
C SER A 237 10.57 3.67 -6.20
N ASP A 238 11.53 3.79 -7.12
CA ASP A 238 12.46 2.70 -7.35
C ASP A 238 13.81 3.29 -7.74
N ARG A 239 14.84 2.43 -7.76
CA ARG A 239 16.23 2.80 -8.06
C ARG A 239 16.81 1.75 -9.00
N ALA A 240 16.03 1.52 -10.04
CA ALA A 240 16.17 0.36 -10.91
C ALA A 240 17.45 0.44 -11.73
N GLY A 241 18.01 1.65 -11.84
CA GLY A 241 19.24 1.79 -12.57
C GLY A 241 20.39 1.06 -11.88
N GLY A 242 20.21 0.77 -10.58
CA GLY A 242 21.22 0.07 -9.80
C GLY A 242 21.06 -1.46 -9.83
N GLY A 243 20.05 -1.96 -10.53
CA GLY A 243 19.83 -3.39 -10.64
C GLY A 243 18.88 -3.95 -9.58
N TYR A 244 18.73 -5.30 -9.61
CA TYR A 244 17.75 -6.01 -8.82
C TYR A 244 17.98 -5.77 -7.34
N ASP A 245 19.23 -5.53 -6.93
CA ASP A 245 19.58 -5.41 -5.53
C ASP A 245 20.01 -3.99 -5.19
N ALA A 246 19.49 -3.00 -5.94
CA ALA A 246 19.66 -1.61 -5.56
C ALA A 246 19.00 -1.38 -4.21
N GLU A 247 19.64 -0.54 -3.41
CA GLU A 247 19.16 -0.31 -2.06
C GLU A 247 17.87 0.49 -2.09
N PRO A 248 16.77 0.06 -1.44
CA PRO A 248 15.58 0.90 -1.30
C PRO A 248 15.90 1.99 -0.29
N ARG A 249 15.30 3.18 -0.46
CA ARG A 249 15.70 4.36 0.31
C ARG A 249 14.48 5.02 0.97
N GLU A 250 14.27 4.74 2.26
CA GLU A 250 13.11 5.27 2.97
C GLU A 250 13.14 6.79 3.01
N ALA A 251 14.34 7.37 3.20
CA ALA A 251 14.52 8.81 3.38
C ALA A 251 14.06 9.60 2.14
N LEU A 252 14.16 8.99 0.94
CA LEU A 252 13.59 9.52 -0.29
C LEU A 252 12.10 9.79 -0.12
N LEU A 253 11.38 8.81 0.43
CA LEU A 253 9.95 8.96 0.63
C LEU A 253 9.68 10.02 1.68
N ALA A 254 10.57 10.08 2.69
CA ALA A 254 10.38 11.00 3.81
C ALA A 254 10.54 12.43 3.31
N GLU A 255 11.54 12.66 2.44
CA GLU A 255 11.77 13.96 1.82
C GLU A 255 10.61 14.31 0.88
N ALA A 256 10.20 13.35 0.05
CA ALA A 256 9.04 13.57 -0.80
C ALA A 256 7.85 14.02 0.04
N ALA A 257 7.55 13.28 1.11
CA ALA A 257 6.47 13.65 2.02
C ALA A 257 6.64 15.06 2.61
N THR A 258 7.89 15.44 2.98
CA THR A 258 8.15 16.77 3.51
C THR A 258 7.79 17.86 2.52
N CYS A 259 8.24 17.71 1.28
CA CYS A 259 7.84 18.60 0.21
C CYS A 259 6.33 18.67 0.05
N VAL A 260 5.63 17.53 0.26
CA VAL A 260 4.18 17.48 0.10
C VAL A 260 3.54 18.24 1.26
N ALA A 261 4.02 17.99 2.49
CA ALA A 261 3.46 18.66 3.66
C ALA A 261 3.66 20.19 3.56
N GLY A 262 4.70 20.62 2.87
CA GLY A 262 5.01 22.03 2.77
C GLY A 262 3.96 22.73 1.91
N VAL A 263 3.40 21.97 0.99
CA VAL A 263 2.40 22.46 0.07
C VAL A 263 1.04 22.47 0.76
N LEU A 264 0.77 21.45 1.57
CA LEU A 264 -0.53 21.25 2.19
C LEU A 264 -0.70 22.03 3.51
N ALA A 265 0.37 22.36 4.23
CA ALA A 265 0.18 22.90 5.59
C ALA A 265 -0.18 24.40 5.60
C1 4D6 B . 12.62 -6.03 0.63
C3 4D6 B . 11.36 -7.99 -0.18
C5 4D6 B . 12.88 -6.29 -0.66
C7 4D6 B . 9.08 -8.99 0.32
C11 4D6 B . 7.56 -7.72 2.83
C12 4D6 B . 8.26 -6.55 3.49
C14 4D6 B . 7.55 -5.25 3.17
C17 4D6 B . 8.26 -4.04 3.75
O20 4D6 B . 6.22 -2.95 4.16
C18 4D6 B . 7.38 -2.81 3.77
O19 4D6 B . 7.87 -1.75 3.38
O16 4D6 B . 7.45 -5.07 1.75
B15 4D6 B . 6.91 -6.05 0.99
O27 4D6 B . 7.01 -5.73 -0.34
C34 4D6 B . 7.48 -7.53 1.31
N9 4D6 B . 8.75 -7.75 0.68
O8 4D6 B . 8.31 -9.93 0.46
C6 4D6 B . 10.47 -9.18 -0.26
S2 4D6 B . 11.54 -7.14 1.24
C4 4D6 B . 12.16 -7.42 -1.16
P PO4 C . 2.40 5.84 11.11
O1 PO4 C . 2.50 6.38 12.51
O2 PO4 C . 1.15 4.91 11.01
O3 PO4 C . 3.70 5.07 10.74
O4 PO4 C . 2.27 6.99 10.14
P PO4 D . 17.58 5.68 4.43
O1 PO4 D . 16.40 6.18 5.25
O2 PO4 D . 17.99 4.32 4.95
O3 PO4 D . 18.75 6.67 4.55
O4 PO4 D . 17.20 5.56 2.98
P PO4 E . 19.00 -7.29 -13.55
O1 PO4 E . 19.43 -6.36 -12.37
O2 PO4 E . 17.48 -7.23 -13.80
O3 PO4 E . 19.35 -8.76 -13.25
O4 PO4 E . 19.75 -6.84 -14.79
P PO4 F . 7.82 -0.93 -13.81
O1 PO4 F . 7.91 -0.35 -12.40
O2 PO4 F . 6.45 -0.67 -14.40
O3 PO4 F . 8.02 -2.45 -13.70
O4 PO4 F . 8.91 -0.32 -14.72
P PO4 G . 15.10 19.16 -2.25
O1 PO4 G . 14.05 18.61 -1.28
O2 PO4 G . 14.45 19.36 -3.64
O3 PO4 G . 15.60 20.50 -1.75
O4 PO4 G . 16.27 18.20 -2.40
P PO4 H . 5.80 14.72 -14.26
O1 PO4 H . 5.37 16.11 -13.75
O2 PO4 H . 4.61 13.76 -14.17
O3 PO4 H . 6.95 14.18 -13.38
O4 PO4 H . 6.30 14.81 -15.68
C1 GOL I . -5.35 -11.76 -14.73
O1 GOL I . -6.65 -11.20 -14.50
C2 GOL I . -4.29 -11.12 -13.84
O2 GOL I . -4.23 -9.71 -13.98
C3 GOL I . -4.54 -11.41 -12.38
O3 GOL I . -5.06 -10.25 -11.77
C1 GOL J . 3.35 20.32 -10.18
O1 GOL J . 4.33 21.15 -9.59
C2 GOL J . 2.72 19.40 -9.15
O2 GOL J . 1.74 18.59 -9.77
C3 GOL J . 3.72 18.53 -8.44
O3 GOL J . 4.55 17.84 -9.36
C1 GOL K . -8.52 10.03 13.11
O1 GOL K . -9.10 11.23 12.60
C2 GOL K . -8.99 8.79 12.36
O2 GOL K . -9.32 9.20 11.04
C3 GOL K . -7.99 7.65 12.30
O3 GOL K . -7.85 6.94 13.54
C1 GOL L . 24.18 -7.23 -8.20
O1 GOL L . 24.77 -7.76 -9.37
C2 GOL L . 24.92 -6.01 -7.69
O2 GOL L . 26.29 -6.11 -8.00
C3 GOL L . 24.39 -4.69 -8.23
O3 GOL L . 24.12 -3.76 -7.18
C1 GOL M . 8.17 -24.61 0.95
O1 GOL M . 8.54 -25.53 1.97
C2 GOL M . 8.77 -23.25 1.23
O2 GOL M . 9.04 -22.57 0.00
C3 GOL M . 7.91 -22.38 2.12
O3 GOL M . 7.94 -22.79 3.49
#